data_1NPM
#
_entry.id   1NPM
#
_cell.length_a   38.400
_cell.length_b   55.160
_cell.length_c   65.370
_cell.angle_alpha   95.38
_cell.angle_beta   89.98
_cell.angle_gamma   110.46
#
_symmetry.space_group_name_H-M   'P 1'
#
loop_
_entity.id
_entity.type
_entity.pdbx_description
1 polymer NEUROPSIN
2 non-polymer 2-acetamido-2-deoxy-beta-D-glucopyranose
3 water water
#
_entity_poly.entity_id   1
_entity_poly.type   'polypeptide(L)'
_entity_poly.pdbx_seq_one_letter_code
;ILEGRECIPHSQPWQAALFQGERLICGGVLVGDRWVLTAAHCKKQKYSVRLGDHSLQSRDQPEQEIQVAQSIQHPCYNNS
NPEDHSHDIMLIRLQNSANLGDKVKPVQLANLCPKVGQKCIISGWGTVTSPQENFPNTLNCAEVKIYSQNKCERAYPGKI
TEGMVCAGSSNGADTCQGDSGGPLVCDGMLQGITSWGSDPCGKPEKPGVYTKICRYTTWIKKTMD
;
_entity_poly.pdbx_strand_id   A,B
#
loop_
_chem_comp.id
_chem_comp.type
_chem_comp.name
_chem_comp.formula
NAG D-saccharide, beta linking 2-acetamido-2-deoxy-beta-D-glucopyranose 'C8 H15 N O6'
#
# COMPACT_ATOMS: atom_id res chain seq x y z
N ILE A 1 -5.97 12.02 25.06
CA ILE A 1 -4.58 12.14 24.53
C ILE A 1 -3.62 11.97 25.68
N LEU A 2 -2.62 11.11 25.49
CA LEU A 2 -1.63 10.86 26.52
C LEU A 2 -0.29 11.52 26.16
N GLU A 3 0.45 11.91 27.20
CA GLU A 3 1.76 12.55 27.09
C GLU A 3 1.79 13.78 26.19
N GLY A 4 0.71 14.55 26.26
CA GLY A 4 0.61 15.78 25.48
C GLY A 4 0.32 16.94 26.41
N ARG A 5 -0.32 17.97 25.89
CA ARG A 5 -0.67 19.12 26.71
C ARG A 5 -1.77 19.92 26.01
N GLU A 6 -2.39 20.81 26.77
CA GLU A 6 -3.45 21.66 26.26
C GLU A 6 -2.99 22.41 25.00
N CYS A 7 -3.77 22.30 23.92
CA CYS A 7 -3.46 22.98 22.66
C CYS A 7 -3.63 24.48 22.80
N ILE A 8 -3.09 25.22 21.83
CA ILE A 8 -3.28 26.66 21.82
C ILE A 8 -4.76 26.80 21.40
N PRO A 9 -5.54 27.59 22.16
CA PRO A 9 -6.96 27.79 21.85
C PRO A 9 -7.23 27.98 20.36
N HIS A 10 -8.11 27.13 19.83
CA HIS A 10 -8.52 27.15 18.42
C HIS A 10 -7.42 26.95 17.37
N SER A 11 -6.32 26.34 17.79
CA SER A 11 -5.21 26.08 16.89
C SER A 11 -5.50 24.90 15.96
N GLN A 12 -6.53 24.11 16.28
CA GLN A 12 -6.94 22.99 15.43
C GLN A 12 -8.43 23.27 15.11
N PRO A 13 -8.69 24.25 14.21
CA PRO A 13 -9.98 24.74 13.73
C PRO A 13 -10.99 23.74 13.19
N TRP A 14 -10.50 22.60 12.75
CA TRP A 14 -11.33 21.53 12.20
C TRP A 14 -11.80 20.51 13.23
N GLN A 15 -11.34 20.64 14.47
CA GLN A 15 -11.69 19.71 15.54
C GLN A 15 -13.16 19.75 15.89
N ALA A 16 -13.82 18.60 15.75
CA ALA A 16 -15.22 18.45 16.07
C ALA A 16 -15.38 17.44 17.21
N ALA A 17 -16.59 17.36 17.75
CA ALA A 17 -16.88 16.43 18.82
C ALA A 17 -18.32 15.94 18.68
N LEU A 18 -18.50 14.62 18.81
CA LEU A 18 -19.81 13.98 18.73
C LEU A 18 -20.38 13.85 20.14
N PHE A 19 -21.53 14.46 20.38
CA PHE A 19 -22.15 14.42 21.70
C PHE A 19 -23.55 13.80 21.74
N GLN A 20 -23.85 13.18 22.87
CA GLN A 20 -25.14 12.57 23.18
C GLN A 20 -25.59 13.30 24.45
N GLY A 21 -26.09 14.52 24.29
CA GLY A 21 -26.47 15.31 25.44
C GLY A 21 -25.20 15.96 25.95
N GLU A 22 -24.84 15.75 27.21
CA GLU A 22 -23.59 16.32 27.72
C GLU A 22 -22.52 15.23 27.83
N ARG A 23 -22.70 14.15 27.07
CA ARG A 23 -21.79 13.02 27.07
C ARG A 23 -20.93 12.91 25.79
N LEU A 24 -19.62 13.10 25.91
CA LEU A 24 -18.74 12.98 24.74
C LEU A 24 -18.68 11.54 24.24
N ILE A 25 -19.05 11.36 22.98
CA ILE A 25 -19.07 10.06 22.31
C ILE A 25 -17.75 9.80 21.56
N CYS A 26 -17.37 10.76 20.72
CA CYS A 26 -16.15 10.66 19.92
C CYS A 26 -15.68 12.04 19.49
N GLY A 27 -14.55 12.08 18.81
CA GLY A 27 -14.01 13.31 18.27
C GLY A 27 -14.41 13.29 16.80
N GLY A 28 -14.13 14.38 16.09
CA GLY A 28 -14.50 14.43 14.69
C GLY A 28 -13.63 15.42 13.94
N VAL A 29 -13.85 15.52 12.64
CA VAL A 29 -13.08 16.42 11.80
C VAL A 29 -13.98 17.15 10.81
N LEU A 30 -13.82 18.45 10.71
CA LEU A 30 -14.64 19.21 9.77
C LEU A 30 -13.98 19.16 8.40
N VAL A 31 -14.71 18.66 7.40
CA VAL A 31 -14.19 18.55 6.03
C VAL A 31 -14.96 19.41 5.02
N GLY A 32 -16.05 20.03 5.48
CA GLY A 32 -16.86 20.88 4.63
C GLY A 32 -17.83 21.63 5.52
N ASP A 33 -18.49 22.67 5.02
CA ASP A 33 -19.42 23.42 5.86
C ASP A 33 -20.65 22.62 6.25
N ARG A 34 -20.79 21.45 5.63
CA ARG A 34 -21.91 20.56 5.90
C ARG A 34 -21.44 19.14 6.22
N TRP A 35 -20.12 18.93 6.28
CA TRP A 35 -19.57 17.59 6.51
C TRP A 35 -18.54 17.44 7.63
N VAL A 36 -18.68 16.35 8.37
CA VAL A 36 -17.78 15.99 9.48
C VAL A 36 -17.34 14.52 9.30
N LEU A 37 -16.04 14.28 9.38
CA LEU A 37 -15.49 12.93 9.27
C LEU A 37 -15.24 12.34 10.65
N THR A 38 -15.53 11.06 10.81
CA THR A 38 -15.32 10.33 12.05
C THR A 38 -15.10 8.86 11.72
N ALA A 39 -14.98 8.06 12.77
CA ALA A 39 -14.83 6.62 12.63
C ALA A 39 -16.25 6.06 12.58
N ALA A 40 -16.46 5.09 11.70
CA ALA A 40 -17.77 4.47 11.56
C ALA A 40 -18.28 3.86 12.85
N HIS A 41 -17.38 3.44 13.74
CA HIS A 41 -17.80 2.82 15.01
C HIS A 41 -18.38 3.82 16.01
N CYS A 42 -18.39 5.10 15.66
CA CYS A 42 -18.94 6.14 16.53
C CYS A 42 -20.44 6.37 16.34
N LYS A 43 -20.99 5.81 15.26
CA LYS A 43 -22.40 5.96 14.93
C LYS A 43 -23.37 5.62 16.05
N LYS A 44 -24.27 6.56 16.32
CA LYS A 44 -25.32 6.44 17.32
C LYS A 44 -26.63 6.79 16.59
N GLN A 45 -27.76 6.32 17.10
CA GLN A 45 -29.04 6.62 16.45
C GLN A 45 -29.39 8.13 16.61
N LYS A 46 -28.90 8.73 17.69
CA LYS A 46 -29.14 10.16 17.93
C LYS A 46 -27.97 10.88 18.64
N TYR A 47 -27.42 11.89 17.95
CA TYR A 47 -26.29 12.66 18.49
C TYR A 47 -26.06 13.94 17.70
N SER A 48 -25.48 14.94 18.36
CA SER A 48 -25.19 16.24 17.76
C SER A 48 -23.68 16.46 17.61
N VAL A 49 -23.31 17.48 16.84
CA VAL A 49 -21.92 17.82 16.59
C VAL A 49 -21.56 19.21 17.09
N ARG A 50 -20.49 19.30 17.87
CA ARG A 50 -20.01 20.56 18.38
C ARG A 50 -18.70 20.97 17.67
N LEU A 51 -18.63 22.21 17.23
CA LEU A 51 -17.45 22.75 16.56
C LEU A 51 -16.98 24.01 17.29
N GLY A 52 -15.79 24.49 16.94
CA GLY A 52 -15.25 25.69 17.52
C GLY A 52 -14.99 25.70 19.01
N ASP A 53 -15.03 24.54 19.64
CA ASP A 53 -14.80 24.39 21.08
C ASP A 53 -13.32 24.29 21.47
N HIS A 54 -13.01 24.74 22.67
CA HIS A 54 -11.67 24.59 23.21
C HIS A 54 -11.92 23.93 24.55
N SER A 55 -12.73 24.61 25.36
CA SER A 55 -13.12 24.12 26.66
C SER A 55 -14.56 23.65 26.53
N LEU A 56 -14.88 22.53 27.18
CA LEU A 56 -16.22 21.95 27.13
C LEU A 56 -17.23 22.61 28.09
N GLN A 57 -16.75 23.58 28.88
CA GLN A 57 -17.59 24.37 29.81
C GLN A 57 -17.82 25.78 29.19
N SER A 58 -17.71 25.84 27.86
CA SER A 58 -17.88 27.08 27.09
C SER A 58 -18.06 26.78 25.58
N GLN A 61 -17.70 34.30 19.34
CA GLN A 61 -18.64 33.14 19.41
C GLN A 61 -18.29 32.03 18.38
N PRO A 62 -17.10 31.39 18.51
CA PRO A 62 -16.76 30.33 17.56
C PRO A 62 -17.61 29.06 17.73
N GLU A 63 -17.77 28.62 18.98
CA GLU A 63 -18.49 27.40 19.28
C GLU A 63 -19.92 27.30 18.76
N GLN A 64 -20.22 26.16 18.16
CA GLN A 64 -21.51 25.87 17.58
C GLN A 64 -21.91 24.44 17.85
N GLU A 65 -23.20 24.21 17.90
CA GLU A 65 -23.74 22.86 18.09
C GLU A 65 -24.79 22.70 17.01
N ILE A 66 -24.52 21.77 16.10
CA ILE A 66 -25.37 21.50 14.95
C ILE A 66 -25.92 20.08 14.96
N GLN A 67 -27.15 19.90 14.47
CA GLN A 67 -27.77 18.58 14.42
C GLN A 67 -27.25 17.77 13.22
N VAL A 68 -27.47 16.45 13.28
CA VAL A 68 -27.04 15.54 12.23
C VAL A 68 -28.21 15.18 11.32
N ALA A 69 -28.02 15.37 10.03
CA ALA A 69 -29.05 15.03 9.06
C ALA A 69 -28.87 13.58 8.64
N GLN A 70 -27.64 13.22 8.27
CA GLN A 70 -27.36 11.86 7.83
C GLN A 70 -26.00 11.32 8.29
N SER A 71 -25.98 10.03 8.63
CA SER A 71 -24.78 9.33 9.06
C SER A 71 -24.47 8.31 7.99
N ILE A 72 -23.34 8.48 7.32
CA ILE A 72 -22.95 7.61 6.22
C ILE A 72 -21.67 6.81 6.49
N GLN A 73 -21.83 5.54 6.87
CA GLN A 73 -20.69 4.67 7.13
C GLN A 73 -20.13 4.17 5.81
N HIS A 74 -18.83 3.82 5.79
CA HIS A 74 -18.26 3.30 4.55
C HIS A 74 -19.04 2.01 4.29
N PRO A 75 -19.46 1.79 3.02
CA PRO A 75 -20.22 0.58 2.67
C PRO A 75 -19.62 -0.74 3.13
N CYS A 76 -18.30 -0.89 2.98
CA CYS A 76 -17.59 -2.12 3.38
C CYS A 76 -17.37 -2.34 4.89
N TYR A 77 -17.84 -1.40 5.70
CA TYR A 77 -17.71 -1.53 7.16
C TYR A 77 -18.76 -2.52 7.66
N ASN A 78 -18.38 -3.39 8.61
CA ASN A 78 -19.31 -4.40 9.15
C ASN A 78 -19.71 -4.05 10.59
N ASN A 79 -20.97 -3.63 10.76
CA ASN A 79 -21.51 -3.26 12.08
C ASN A 79 -21.54 -4.45 13.02
N SER A 80 -21.57 -5.65 12.43
CA SER A 80 -21.53 -6.89 13.20
C SER A 80 -20.03 -7.20 13.17
N ASN A 81 -19.53 -7.93 14.15
CA ASN A 81 -18.10 -8.25 14.18
C ASN A 81 -17.21 -7.02 14.42
N PRO A 82 -17.25 -6.46 15.64
CA PRO A 82 -16.41 -5.28 15.89
C PRO A 82 -14.93 -5.68 16.09
N GLU A 83 -14.61 -6.95 15.78
CA GLU A 83 -13.22 -7.45 15.85
C GLU A 83 -12.52 -6.88 14.62
N ASP A 84 -13.32 -6.70 13.57
CA ASP A 84 -12.85 -6.17 12.31
C ASP A 84 -12.95 -4.65 12.33
N HIS A 85 -11.79 -4.00 12.27
CA HIS A 85 -11.72 -2.55 12.28
C HIS A 85 -11.56 -1.98 10.89
N SER A 86 -11.76 -2.81 9.87
CA SER A 86 -11.62 -2.40 8.48
C SER A 86 -12.64 -1.33 8.06
N HIS A 87 -12.17 -0.35 7.31
CA HIS A 87 -13.03 0.72 6.80
C HIS A 87 -13.80 1.48 7.89
N ASP A 88 -13.13 1.72 9.01
CA ASP A 88 -13.73 2.42 10.14
C ASP A 88 -13.73 3.92 9.85
N ILE A 89 -14.60 4.33 8.92
CA ILE A 89 -14.70 5.72 8.50
C ILE A 89 -16.17 6.05 8.19
N MET A 90 -16.56 7.29 8.44
CA MET A 90 -17.94 7.72 8.25
C MET A 90 -18.08 9.23 8.04
N LEU A 91 -18.91 9.61 7.08
CA LEU A 91 -19.18 11.02 6.81
C LEU A 91 -20.53 11.43 7.42
N ILE A 92 -20.56 12.55 8.11
CA ILE A 92 -21.78 13.05 8.73
C ILE A 92 -22.26 14.30 8.00
N ARG A 93 -23.49 14.26 7.50
CA ARG A 93 -24.09 15.41 6.82
C ARG A 93 -24.81 16.21 7.89
N LEU A 94 -24.40 17.46 8.05
CA LEU A 94 -24.98 18.35 9.04
C LEU A 94 -26.34 18.90 8.61
N GLN A 95 -27.28 19.00 9.55
CA GLN A 95 -28.62 19.51 9.29
C GLN A 95 -28.56 20.95 8.79
N ASN A 96 -27.64 21.73 9.37
CA ASN A 96 -27.43 23.14 9.02
C ASN A 96 -25.95 23.40 8.73
N SER A 97 -25.64 24.47 8.01
CA SER A 97 -24.24 24.84 7.69
C SER A 97 -23.49 25.41 8.88
N ALA A 98 -22.19 25.17 8.93
CA ALA A 98 -21.34 25.68 10.00
C ALA A 98 -20.79 27.05 9.62
N ASN A 99 -20.67 27.95 10.60
CA ASN A 99 -20.11 29.28 10.33
C ASN A 99 -18.61 29.10 10.23
N LEU A 100 -18.05 29.35 9.06
CA LEU A 100 -16.61 29.19 8.91
C LEU A 100 -15.86 30.48 9.23
N GLY A 101 -14.64 30.34 9.75
CA GLY A 101 -13.83 31.49 10.09
C GLY A 101 -12.42 31.03 10.31
N ASP A 102 -11.62 31.83 11.01
CA ASP A 102 -10.24 31.44 11.27
C ASP A 102 -10.18 30.43 12.42
N LYS A 103 -11.23 30.41 13.26
CA LYS A 103 -11.32 29.49 14.40
C LYS A 103 -12.14 28.24 14.14
N VAL A 104 -12.82 28.20 12.99
CA VAL A 104 -13.61 27.05 12.57
C VAL A 104 -13.55 26.90 11.05
N LYS A 105 -12.67 26.03 10.58
CA LYS A 105 -12.53 25.82 9.14
C LYS A 105 -12.21 24.35 8.85
N PRO A 106 -12.57 23.88 7.65
CA PRO A 106 -12.30 22.49 7.28
C PRO A 106 -10.82 22.19 7.08
N VAL A 107 -10.41 20.93 7.27
CA VAL A 107 -9.01 20.54 7.07
C VAL A 107 -8.87 20.17 5.61
N GLN A 108 -7.63 20.18 5.15
CA GLN A 108 -7.32 19.78 3.79
C GLN A 108 -7.01 18.27 3.86
N LEU A 109 -7.72 17.48 3.05
CA LEU A 109 -7.52 16.03 3.02
C LEU A 109 -6.24 15.70 2.26
N ALA A 110 -5.51 14.69 2.72
CA ALA A 110 -4.25 14.29 2.10
C ALA A 110 -4.43 13.39 0.88
N ASN A 111 -3.87 13.82 -0.25
CA ASN A 111 -3.94 13.00 -1.46
C ASN A 111 -2.79 12.01 -1.39
N LEU A 112 -1.63 12.52 -0.95
CA LEU A 112 -0.43 11.69 -0.81
C LEU A 112 -0.49 10.95 0.53
N CYS A 113 -0.09 9.68 0.53
CA CYS A 113 -0.10 8.90 1.75
C CYS A 113 1.02 9.33 2.69
N PRO A 114 0.92 9.00 4.00
CA PRO A 114 1.93 9.38 4.99
C PRO A 114 3.24 8.59 4.84
N LYS A 115 4.35 9.26 5.05
CA LYS A 115 5.63 8.58 4.94
C LYS A 115 6.27 8.34 6.30
N VAL A 116 6.84 7.15 6.47
CA VAL A 116 7.48 6.72 7.72
C VAL A 116 8.32 7.81 8.35
N GLY A 117 8.11 8.03 9.65
CA GLY A 117 8.87 9.04 10.35
C GLY A 117 8.24 10.41 10.39
N GLN A 118 7.33 10.71 9.46
CA GLN A 118 6.66 11.99 9.44
C GLN A 118 6.13 12.37 10.81
N LYS A 119 6.38 13.62 11.22
CA LYS A 119 5.89 14.08 12.51
C LYS A 119 4.48 14.68 12.34
N CYS A 120 3.55 14.21 13.16
CA CYS A 120 2.15 14.63 13.10
C CYS A 120 1.63 15.08 14.46
N ILE A 121 0.38 15.55 14.47
CA ILE A 121 -0.27 15.99 15.67
C ILE A 121 -1.65 15.34 15.86
N ILE A 122 -1.85 14.75 17.03
CA ILE A 122 -3.12 14.11 17.40
C ILE A 122 -3.74 14.98 18.51
N SER A 123 -5.05 15.17 18.48
CA SER A 123 -5.72 16.00 19.48
C SER A 123 -7.13 15.51 19.81
N GLY A 124 -7.60 15.86 21.00
CA GLY A 124 -8.93 15.45 21.41
C GLY A 124 -9.22 15.63 22.87
N TRP A 125 -10.46 15.34 23.26
CA TRP A 125 -10.90 15.46 24.65
C TRP A 125 -10.97 14.13 25.36
N GLY A 126 -10.24 13.14 24.81
CA GLY A 126 -10.22 11.83 25.41
C GLY A 126 -9.39 11.78 26.67
N THR A 127 -9.42 10.64 27.34
CA THR A 127 -8.67 10.47 28.59
C THR A 127 -7.19 10.82 28.44
N VAL A 128 -6.67 11.41 29.52
CA VAL A 128 -5.30 11.87 29.60
C VAL A 128 -4.38 10.82 30.27
N THR A 129 -4.98 9.77 30.79
CA THR A 129 -4.25 8.68 31.44
C THR A 129 -4.86 7.37 30.96
N SER A 130 -4.14 6.28 31.19
CA SER A 130 -4.59 4.95 30.81
C SER A 130 -3.90 3.92 31.69
N PRO A 131 -4.64 2.91 32.18
CA PRO A 131 -6.05 2.64 31.96
C PRO A 131 -7.05 3.47 32.80
N GLN A 132 -6.54 4.24 33.75
CA GLN A 132 -7.39 5.09 34.59
C GLN A 132 -8.02 6.17 33.72
N GLU A 133 -9.33 6.38 33.85
CA GLU A 133 -10.00 7.40 33.05
C GLU A 133 -9.93 8.78 33.71
N ASN A 134 -9.30 9.72 33.02
CA ASN A 134 -9.18 11.09 33.49
C ASN A 134 -9.48 12.01 32.30
N PHE A 135 -10.75 12.41 32.16
CA PHE A 135 -11.17 13.25 31.03
C PHE A 135 -10.95 14.75 31.25
N PRO A 136 -10.09 15.36 30.42
CA PRO A 136 -9.75 16.77 30.48
C PRO A 136 -10.90 17.65 30.00
N ASN A 137 -10.87 18.89 30.43
CA ASN A 137 -11.92 19.82 30.04
C ASN A 137 -11.54 20.60 28.78
N THR A 138 -10.25 20.73 28.54
CA THR A 138 -9.75 21.46 27.38
C THR A 138 -9.11 20.52 26.36
N LEU A 139 -9.13 20.91 25.10
CA LEU A 139 -8.57 20.12 24.02
C LEU A 139 -7.08 19.89 24.23
N ASN A 140 -6.64 18.64 24.13
CA ASN A 140 -5.23 18.34 24.26
C ASN A 140 -4.62 18.04 22.91
N CYS A 141 -3.31 18.26 22.81
CA CYS A 141 -2.51 18.05 21.60
C CYS A 141 -1.24 17.26 21.91
N ALA A 142 -0.78 16.46 20.96
CA ALA A 142 0.43 15.66 21.15
C ALA A 142 1.15 15.41 19.82
N GLU A 143 2.47 15.32 19.87
CA GLU A 143 3.26 15.04 18.69
C GLU A 143 3.51 13.54 18.59
N VAL A 144 3.18 12.99 17.43
CA VAL A 144 3.33 11.58 17.16
C VAL A 144 4.08 11.37 15.82
N LYS A 145 4.62 10.17 15.61
CA LYS A 145 5.36 9.88 14.38
C LYS A 145 4.77 8.69 13.64
N ILE A 146 4.82 8.74 12.32
CA ILE A 146 4.31 7.68 11.48
C ILE A 146 5.21 6.43 11.55
N TYR A 147 4.66 5.31 12.00
CA TYR A 147 5.42 4.07 12.10
C TYR A 147 5.49 3.36 10.76
N SER A 148 6.39 2.38 10.66
CA SER A 148 6.54 1.58 9.44
C SER A 148 5.45 0.51 9.50
N GLN A 149 5.02 0.03 8.34
CA GLN A 149 3.96 -0.99 8.27
C GLN A 149 4.35 -2.32 8.91
N ASN A 150 5.62 -2.70 8.82
CA ASN A 150 6.07 -3.95 9.42
C ASN A 150 6.09 -3.83 10.94
N LYS A 151 6.48 -2.66 11.45
CA LYS A 151 6.48 -2.42 12.89
C LYS A 151 5.02 -2.35 13.37
N CYS A 152 4.13 -1.93 12.48
CA CYS A 152 2.70 -1.81 12.75
C CYS A 152 2.06 -3.20 12.81
N GLU A 153 2.41 -4.04 11.84
CA GLU A 153 1.90 -5.41 11.74
C GLU A 153 2.35 -6.34 12.88
N ARG A 154 3.60 -6.19 13.32
CA ARG A 154 4.10 -7.02 14.42
C ARG A 154 3.36 -6.67 15.69
N ALA A 155 2.95 -5.41 15.80
CA ALA A 155 2.24 -4.96 16.99
C ALA A 155 0.80 -5.49 17.03
N TYR A 156 0.23 -5.79 15.85
CA TYR A 156 -1.14 -6.30 15.76
C TYR A 156 -1.27 -7.37 14.66
N PRO A 157 -0.61 -8.52 14.85
CA PRO A 157 -0.61 -9.65 13.91
C PRO A 157 -1.95 -9.94 13.24
N GLY A 158 -1.98 -9.78 11.92
CA GLY A 158 -3.17 -10.06 11.12
C GLY A 158 -4.34 -9.09 11.21
N LYS A 159 -4.14 -7.93 11.81
CA LYS A 159 -5.20 -6.94 11.95
C LYS A 159 -5.01 -5.68 11.11
N ILE A 160 -3.80 -5.48 10.58
CA ILE A 160 -3.50 -4.29 9.80
C ILE A 160 -3.76 -4.50 8.31
N THR A 161 -4.51 -3.58 7.70
CA THR A 161 -4.82 -3.61 6.27
C THR A 161 -4.16 -2.39 5.64
N GLU A 162 -4.23 -2.29 4.30
CA GLU A 162 -3.62 -1.14 3.60
C GLU A 162 -4.37 0.16 3.84
N GLY A 163 -5.51 0.09 4.50
CA GLY A 163 -6.28 1.29 4.79
C GLY A 163 -6.05 1.77 6.23
N MET A 164 -4.96 1.32 6.83
CA MET A 164 -4.61 1.66 8.21
C MET A 164 -3.14 2.06 8.30
N VAL A 165 -2.82 2.88 9.30
CA VAL A 165 -1.46 3.33 9.53
C VAL A 165 -1.27 3.53 11.02
N CYS A 166 -0.16 3.02 11.54
CA CYS A 166 0.19 3.17 12.95
C CYS A 166 0.98 4.45 13.16
N ALA A 167 0.88 5.00 14.36
CA ALA A 167 1.62 6.20 14.68
C ALA A 167 1.83 6.19 16.18
N GLY A 168 2.90 6.84 16.63
CA GLY A 168 3.16 6.86 18.05
C GLY A 168 4.40 7.65 18.41
N SER A 169 4.87 7.45 19.63
CA SER A 169 6.04 8.16 20.11
C SER A 169 6.80 7.30 21.11
N SER A 170 8.12 7.48 21.14
CA SER A 170 8.99 6.75 22.04
C SER A 170 8.68 7.10 23.49
N ASN A 171 8.19 8.32 23.71
CA ASN A 171 7.84 8.77 25.06
C ASN A 171 6.39 8.49 25.45
N GLY A 172 5.70 7.64 24.68
CA GLY A 172 4.34 7.27 25.00
C GLY A 172 3.14 8.10 24.58
N ALA A 173 3.32 9.10 23.71
CA ALA A 173 2.20 9.92 23.23
C ALA A 173 1.26 9.01 22.44
N ASP A 174 -0.05 9.09 22.71
CA ASP A 174 -1.01 8.20 22.04
C ASP A 174 -2.44 8.75 22.16
N THR A 175 -3.34 8.24 21.32
CA THR A 175 -4.74 8.62 21.40
C THR A 175 -5.33 7.59 22.37
N CYS A 176 -6.50 7.87 22.93
CA CYS A 176 -7.10 6.94 23.88
C CYS A 176 -8.60 7.17 23.94
N GLN A 177 -9.27 6.56 24.91
CA GLN A 177 -10.71 6.66 25.07
C GLN A 177 -11.30 8.07 24.92
N GLY A 178 -12.19 8.24 23.94
CA GLY A 178 -12.81 9.52 23.70
C GLY A 178 -12.19 10.30 22.56
N ASP A 179 -10.98 9.91 22.13
CA ASP A 179 -10.29 10.56 21.03
C ASP A 179 -10.71 10.00 19.67
N SER A 180 -11.31 8.81 19.67
CA SER A 180 -11.75 8.15 18.43
C SER A 180 -12.52 9.07 17.49
N GLY A 181 -12.25 8.95 16.20
CA GLY A 181 -12.91 9.76 15.21
C GLY A 181 -12.18 11.08 14.96
N GLY A 182 -11.26 11.41 15.86
CA GLY A 182 -10.50 12.65 15.73
C GLY A 182 -9.44 12.69 14.64
N PRO A 183 -8.73 13.81 14.52
CA PRO A 183 -7.69 13.97 13.50
C PRO A 183 -6.26 13.50 13.81
N LEU A 184 -5.57 13.14 12.74
CA LEU A 184 -4.15 12.75 12.73
C LEU A 184 -3.70 13.70 11.63
N VAL A 185 -3.05 14.80 12.02
CA VAL A 185 -2.62 15.82 11.07
C VAL A 185 -1.11 15.95 10.92
N CYS A 186 -0.63 15.86 9.69
CA CYS A 186 0.80 15.96 9.42
C CYS A 186 1.04 17.04 8.37
N ASP A 187 1.84 18.04 8.73
CA ASP A 187 2.16 19.15 7.84
C ASP A 187 0.90 19.83 7.31
N GLY A 188 0.01 20.19 8.23
CA GLY A 188 -1.22 20.87 7.86
C GLY A 188 -2.25 20.06 7.11
N MET A 189 -2.05 18.75 6.97
CA MET A 189 -3.01 17.94 6.24
C MET A 189 -3.51 16.70 6.97
N LEU A 190 -4.77 16.34 6.72
CA LEU A 190 -5.39 15.20 7.35
C LEU A 190 -4.91 13.90 6.76
N GLN A 191 -4.10 13.17 7.53
CA GLN A 191 -3.54 11.89 7.12
C GLN A 191 -4.31 10.71 7.71
N GLY A 192 -5.00 10.94 8.82
CA GLY A 192 -5.75 9.86 9.42
C GLY A 192 -6.90 10.27 10.31
N ILE A 193 -7.72 9.29 10.67
CA ILE A 193 -8.87 9.44 11.56
C ILE A 193 -8.56 8.41 12.65
N THR A 194 -8.37 8.86 13.89
CA THR A 194 -8.07 7.91 14.97
C THR A 194 -9.16 6.84 15.10
N SER A 195 -8.74 5.59 14.93
CA SER A 195 -9.65 4.44 14.95
C SER A 195 -9.60 3.59 16.20
N TRP A 196 -8.54 2.81 16.37
CA TRP A 196 -8.45 1.93 17.54
C TRP A 196 -7.05 1.86 18.10
N GLY A 197 -6.88 1.07 19.16
CA GLY A 197 -5.56 0.94 19.76
C GLY A 197 -5.47 -0.19 20.76
N SER A 198 -4.51 -0.10 21.66
CA SER A 198 -4.32 -1.14 22.66
C SER A 198 -4.85 -0.67 24.00
N ASP A 199 -4.79 -1.57 24.98
CA ASP A 199 -5.25 -1.29 26.32
C ASP A 199 -4.20 -1.87 27.26
N PRO A 200 -3.54 -1.01 28.04
CA PRO A 200 -3.74 0.45 28.05
C PRO A 200 -3.04 1.19 26.90
N CYS A 201 -3.45 2.45 26.72
CA CYS A 201 -2.88 3.33 25.70
C CYS A 201 -1.54 3.85 26.18
N GLY A 202 -0.73 4.38 25.27
CA GLY A 202 0.55 4.94 25.65
C GLY A 202 1.75 4.02 25.76
N LYS A 203 1.69 2.89 25.07
CA LYS A 203 2.80 1.93 25.07
C LYS A 203 3.38 1.99 23.67
N PRO A 204 4.60 2.54 23.53
CA PRO A 204 5.35 2.72 22.28
C PRO A 204 5.35 1.51 21.36
N GLU A 205 5.38 0.32 21.97
CA GLU A 205 5.41 -0.95 21.23
C GLU A 205 4.02 -1.36 20.72
N LYS A 206 3.00 -0.74 21.31
CA LYS A 206 1.60 -0.98 20.97
C LYS A 206 0.96 0.36 20.59
N PRO A 207 1.36 0.93 19.44
CA PRO A 207 0.87 2.22 18.93
C PRO A 207 -0.62 2.30 18.55
N GLY A 208 -1.14 3.52 18.44
CA GLY A 208 -2.53 3.71 18.04
C GLY A 208 -2.67 3.52 16.54
N VAL A 209 -3.79 2.94 16.11
CA VAL A 209 -4.03 2.71 14.69
C VAL A 209 -4.98 3.75 14.14
N TYR A 210 -4.70 4.21 12.93
CA TYR A 210 -5.50 5.24 12.28
C TYR A 210 -5.99 4.83 10.91
N THR A 211 -7.18 5.31 10.55
CA THR A 211 -7.74 5.04 9.24
C THR A 211 -7.00 5.96 8.27
N LYS A 212 -6.26 5.35 7.35
CA LYS A 212 -5.47 6.09 6.36
C LYS A 212 -6.38 6.83 5.39
N ILE A 213 -6.35 8.17 5.46
CA ILE A 213 -7.18 9.02 4.59
C ILE A 213 -6.92 8.86 3.10
N CYS A 214 -5.64 8.77 2.71
CA CYS A 214 -5.27 8.63 1.30
C CYS A 214 -5.97 7.49 0.54
N ARG A 215 -6.32 6.44 1.27
CA ARG A 215 -6.99 5.28 0.70
C ARG A 215 -8.49 5.58 0.45
N TYR A 216 -9.05 6.50 1.23
CA TYR A 216 -10.46 6.82 1.10
C TYR A 216 -10.87 8.15 0.52
N THR A 217 -9.93 8.95 0.04
CA THR A 217 -10.27 10.26 -0.51
C THR A 217 -11.25 10.23 -1.69
N THR A 218 -11.23 9.14 -2.45
CA THR A 218 -12.13 8.98 -3.58
C THR A 218 -13.56 8.84 -3.08
N TRP A 219 -13.76 7.94 -2.11
CA TRP A 219 -15.07 7.70 -1.53
C TRP A 219 -15.58 8.98 -0.87
N ILE A 220 -14.70 9.63 -0.10
CA ILE A 220 -15.02 10.86 0.60
C ILE A 220 -15.59 11.95 -0.32
N LYS A 221 -14.89 12.27 -1.39
CA LYS A 221 -15.36 13.29 -2.32
C LYS A 221 -16.65 12.90 -3.06
N LYS A 222 -16.70 11.67 -3.54
CA LYS A 222 -17.87 11.16 -4.26
C LYS A 222 -19.16 11.34 -3.43
N THR A 223 -19.05 11.16 -2.11
CA THR A 223 -20.19 11.27 -1.20
C THR A 223 -20.60 12.74 -0.96
N MET A 224 -19.63 13.64 -0.90
CA MET A 224 -19.94 15.04 -0.69
C MET A 224 -20.52 15.73 -1.93
N ASP A 225 -19.96 15.41 -3.10
CA ASP A 225 -20.41 15.99 -4.37
C ASP A 225 -21.56 15.21 -5.00
N ILE B 1 3.05 -19.23 -11.22
CA ILE B 1 1.95 -18.66 -12.03
C ILE B 1 0.66 -19.30 -11.60
N LEU B 2 -0.35 -18.47 -11.33
CA LEU B 2 -1.66 -18.98 -10.91
C LEU B 2 -2.68 -18.87 -12.05
N GLU B 3 -3.64 -19.78 -12.05
CA GLU B 3 -4.71 -19.86 -13.04
C GLU B 3 -4.25 -19.86 -14.50
N GLY B 4 -3.14 -20.55 -14.73
CA GLY B 4 -2.59 -20.66 -16.08
C GLY B 4 -2.43 -22.13 -16.42
N ARG B 5 -1.48 -22.44 -17.30
CA ARG B 5 -1.23 -23.81 -17.66
C ARG B 5 0.14 -23.92 -18.29
N GLU B 6 0.63 -25.14 -18.41
CA GLU B 6 1.93 -25.42 -19.03
C GLU B 6 2.02 -24.77 -20.42
N CYS B 7 3.08 -24.01 -20.64
CA CYS B 7 3.32 -23.34 -21.93
C CYS B 7 3.69 -24.37 -23.00
N ILE B 8 3.61 -23.95 -24.26
CA ILE B 8 4.02 -24.81 -25.35
C ILE B 8 5.55 -24.81 -25.22
N PRO B 9 6.17 -26.00 -25.19
CA PRO B 9 7.62 -26.11 -25.05
C PRO B 9 8.39 -25.09 -25.89
N HIS B 10 9.24 -24.32 -25.21
CA HIS B 10 10.08 -23.28 -25.82
C HIS B 10 9.37 -22.14 -26.55
N SER B 11 8.09 -21.94 -26.22
CA SER B 11 7.29 -20.89 -26.83
C SER B 11 7.67 -19.50 -26.30
N GLN B 12 8.40 -19.47 -25.18
CA GLN B 12 8.87 -18.20 -24.59
C GLN B 12 10.41 -18.37 -24.51
N PRO B 13 11.10 -18.29 -25.66
CA PRO B 13 12.54 -18.42 -25.89
C PRO B 13 13.48 -17.55 -25.05
N TRP B 14 12.97 -16.46 -24.53
CA TRP B 14 13.75 -15.53 -23.70
C TRP B 14 13.69 -15.82 -22.21
N GLN B 15 12.87 -16.79 -21.82
CA GLN B 15 12.71 -17.15 -20.41
C GLN B 15 13.98 -17.70 -19.79
N ALA B 16 14.45 -17.03 -18.74
CA ALA B 16 15.64 -17.43 -18.01
C ALA B 16 15.26 -17.78 -16.58
N ALA B 17 16.20 -18.35 -15.85
CA ALA B 17 15.98 -18.71 -14.47
C ALA B 17 17.27 -18.56 -13.68
N LEU B 18 17.17 -17.91 -12.52
CA LEU B 18 18.32 -17.70 -11.64
C LEU B 18 18.37 -18.83 -10.63
N PHE B 19 19.48 -19.56 -10.61
CA PHE B 19 19.64 -20.69 -9.69
C PHE B 19 20.81 -20.58 -8.73
N GLN B 20 20.63 -21.16 -7.55
CA GLN B 20 21.63 -21.26 -6.49
C GLN B 20 21.75 -22.77 -6.27
N GLY B 21 22.47 -23.45 -7.16
CA GLY B 21 22.59 -24.90 -7.06
C GLY B 21 21.35 -25.45 -7.74
N GLU B 22 20.58 -26.28 -7.04
CA GLU B 22 19.36 -26.82 -7.63
C GLU B 22 18.13 -26.08 -7.05
N ARG B 23 18.38 -24.88 -6.52
CA ARG B 23 17.34 -24.04 -5.89
C ARG B 23 16.93 -22.82 -6.74
N LEU B 24 15.69 -22.81 -7.25
CA LEU B 24 15.22 -21.68 -8.05
C LEU B 24 15.10 -20.42 -7.18
N ILE B 25 15.81 -19.38 -7.58
CA ILE B 25 15.84 -18.10 -6.90
C ILE B 25 14.81 -17.14 -7.51
N CYS B 26 14.87 -16.96 -8.82
CA CYS B 26 13.98 -16.07 -9.55
C CYS B 26 13.91 -16.46 -11.02
N GLY B 27 13.08 -15.74 -11.76
CA GLY B 27 12.96 -15.95 -13.19
C GLY B 27 13.79 -14.84 -13.81
N GLY B 28 13.94 -14.86 -15.13
CA GLY B 28 14.73 -13.86 -15.79
C GLY B 28 14.33 -13.70 -17.23
N VAL B 29 14.96 -12.76 -17.91
CA VAL B 29 14.66 -12.50 -19.31
C VAL B 29 15.95 -12.30 -20.10
N LEU B 30 16.06 -12.95 -21.24
CA LEU B 30 17.24 -12.79 -22.07
C LEU B 30 17.05 -11.57 -22.97
N VAL B 31 17.96 -10.60 -22.85
CA VAL B 31 17.91 -9.36 -23.64
C VAL B 31 19.10 -9.19 -24.60
N GLY B 32 20.05 -10.10 -24.51
CA GLY B 32 21.22 -10.07 -25.37
C GLY B 32 21.97 -11.37 -25.19
N ASP B 33 22.92 -11.71 -26.07
CA ASP B 33 23.64 -12.98 -25.93
C ASP B 33 24.53 -13.01 -24.69
N ARG B 34 24.67 -11.86 -24.04
CA ARG B 34 25.49 -11.72 -22.84
C ARG B 34 24.71 -11.06 -21.70
N TRP B 35 23.43 -10.78 -21.92
CA TRP B 35 22.60 -10.09 -20.93
C TRP B 35 21.26 -10.71 -20.55
N VAL B 36 20.96 -10.68 -19.24
CA VAL B 36 19.71 -11.19 -18.68
C VAL B 36 19.13 -10.12 -17.75
N LEU B 37 17.85 -9.84 -17.90
CA LEU B 37 17.14 -8.86 -17.09
C LEU B 37 16.37 -9.56 -15.98
N THR B 38 16.38 -8.98 -14.79
CA THR B 38 15.66 -9.50 -13.63
C THR B 38 15.32 -8.34 -12.72
N ALA B 39 14.74 -8.68 -11.57
CA ALA B 39 14.40 -7.70 -10.55
C ALA B 39 15.64 -7.58 -9.67
N ALA B 40 15.97 -6.35 -9.30
CA ALA B 40 17.13 -6.09 -8.46
C ALA B 40 17.10 -6.84 -7.13
N HIS B 41 15.91 -7.14 -6.63
CA HIS B 41 15.78 -7.86 -5.36
C HIS B 41 16.17 -9.34 -5.44
N CYS B 42 16.51 -9.81 -6.64
CA CYS B 42 16.92 -11.20 -6.84
C CYS B 42 18.42 -11.43 -6.65
N LYS B 43 19.18 -10.35 -6.57
CA LYS B 43 20.63 -10.42 -6.42
C LYS B 43 21.11 -11.27 -5.26
N LYS B 44 22.03 -12.18 -5.59
CA LYS B 44 22.66 -13.08 -4.63
C LYS B 44 24.16 -12.92 -4.88
N GLN B 45 24.98 -13.21 -3.88
CA GLN B 45 26.43 -13.09 -4.05
C GLN B 45 26.96 -14.16 -5.03
N LYS B 46 26.26 -15.30 -5.11
CA LYS B 46 26.64 -16.36 -6.04
C LYS B 46 25.44 -17.13 -6.61
N TYR B 47 25.32 -17.10 -7.93
CA TYR B 47 24.23 -17.79 -8.64
C TYR B 47 24.48 -17.88 -10.14
N SER B 48 23.89 -18.90 -10.75
CA SER B 48 24.02 -19.14 -12.20
C SER B 48 22.70 -18.89 -12.94
N VAL B 49 22.77 -18.84 -14.26
CA VAL B 49 21.61 -18.60 -15.10
C VAL B 49 21.34 -19.75 -16.08
N ARG B 50 20.11 -20.25 -16.07
CA ARG B 50 19.71 -21.31 -16.97
C ARG B 50 18.79 -20.77 -18.07
N LEU B 51 19.08 -21.15 -19.31
CA LEU B 51 18.28 -20.73 -20.46
C LEU B 51 17.82 -21.97 -21.23
N GLY B 52 16.91 -21.76 -22.17
CA GLY B 52 16.41 -22.86 -23.00
C GLY B 52 15.68 -23.99 -22.32
N ASP B 53 15.33 -23.80 -21.05
CA ASP B 53 14.62 -24.81 -20.26
C ASP B 53 13.11 -24.80 -20.45
N HIS B 54 12.49 -25.97 -20.27
CA HIS B 54 11.04 -26.08 -20.30
C HIS B 54 10.75 -26.82 -19.00
N SER B 55 11.37 -27.99 -18.88
CA SER B 55 11.24 -28.80 -17.69
C SER B 55 12.54 -28.66 -16.91
N LEU B 56 12.43 -28.57 -15.58
CA LEU B 56 13.60 -28.42 -14.72
C LEU B 56 14.34 -29.73 -14.43
N GLN B 57 13.81 -30.84 -14.94
CA GLN B 57 14.43 -32.18 -14.81
C GLN B 57 15.07 -32.56 -16.16
N SER B 58 15.40 -31.52 -16.95
CA SER B 58 16.00 -31.66 -18.28
C SER B 58 16.59 -30.32 -18.73
N GLN B 61 19.54 -29.73 -28.07
CA GLN B 61 20.21 -29.26 -26.81
C GLN B 61 20.03 -27.75 -26.58
N PRO B 62 18.78 -27.28 -26.39
CA PRO B 62 18.59 -25.84 -26.16
C PRO B 62 19.12 -25.39 -24.79
N GLU B 63 18.79 -26.14 -23.75
CA GLU B 63 19.16 -25.78 -22.38
C GLU B 63 20.63 -25.54 -22.13
N GLN B 64 20.90 -24.44 -21.43
CA GLN B 64 22.26 -24.04 -21.11
C GLN B 64 22.30 -23.48 -19.69
N GLU B 65 23.46 -23.58 -19.07
CA GLU B 65 23.66 -23.03 -17.73
C GLU B 65 24.96 -22.24 -17.84
N ILE B 66 24.85 -20.93 -17.66
CA ILE B 66 25.98 -20.02 -17.77
C ILE B 66 26.25 -19.28 -16.46
N GLN B 67 27.52 -18.99 -16.19
CA GLN B 67 27.91 -18.27 -14.98
C GLN B 67 27.68 -16.76 -15.09
N VAL B 68 27.62 -16.10 -13.95
CA VAL B 68 27.40 -14.66 -13.91
C VAL B 68 28.71 -13.92 -13.73
N ALA B 69 28.99 -12.97 -14.62
CA ALA B 69 30.21 -12.18 -14.54
C ALA B 69 29.94 -10.96 -13.66
N GLN B 70 28.85 -10.24 -13.96
CA GLN B 70 28.50 -9.04 -13.20
C GLN B 70 27.00 -8.86 -12.97
N SER B 71 26.65 -8.39 -11.77
CA SER B 71 25.27 -8.11 -11.38
C SER B 71 25.15 -6.60 -11.23
N ILE B 72 24.33 -5.99 -12.09
CA ILE B 72 24.17 -4.54 -12.09
C ILE B 72 22.77 -4.07 -11.74
N GLN B 73 22.57 -3.67 -10.48
CA GLN B 73 21.28 -3.18 -10.00
C GLN B 73 21.08 -1.74 -10.46
N HIS B 74 19.85 -1.30 -10.61
CA HIS B 74 19.61 0.09 -11.02
C HIS B 74 20.21 0.93 -9.90
N PRO B 75 20.97 1.99 -10.24
CA PRO B 75 21.59 2.85 -9.22
C PRO B 75 20.66 3.36 -8.13
N CYS B 76 19.46 3.79 -8.51
CA CYS B 76 18.47 4.31 -7.56
C CYS B 76 17.76 3.29 -6.67
N TYR B 77 18.07 2.01 -6.85
CA TYR B 77 17.47 0.95 -6.03
C TYR B 77 18.11 0.96 -4.64
N ASN B 78 17.31 0.80 -3.59
CA ASN B 78 17.83 0.79 -2.22
C ASN B 78 17.80 -0.62 -1.63
N ASN B 79 18.99 -1.20 -1.44
CA ASN B 79 19.16 -2.56 -0.88
C ASN B 79 18.67 -2.62 0.55
N SER B 80 18.70 -1.46 1.21
CA SER B 80 18.20 -1.32 2.57
C SER B 80 16.76 -0.87 2.33
N ASN B 81 15.84 -1.14 3.26
CA ASN B 81 14.46 -0.73 3.07
C ASN B 81 13.76 -1.50 1.92
N PRO B 82 13.50 -2.80 2.12
CA PRO B 82 12.83 -3.55 1.05
C PRO B 82 11.33 -3.23 0.99
N GLU B 83 10.91 -2.19 1.75
CA GLU B 83 9.51 -1.73 1.73
C GLU B 83 9.36 -0.96 0.42
N ASP B 84 10.48 -0.38 -0.01
CA ASP B 84 10.53 0.39 -1.24
C ASP B 84 10.87 -0.54 -2.39
N HIS B 85 9.92 -0.67 -3.31
CA HIS B 85 10.08 -1.54 -4.48
C HIS B 85 10.47 -0.73 -5.71
N SER B 86 10.83 0.53 -5.52
CA SER B 86 11.21 1.41 -6.62
C SER B 86 12.47 0.96 -7.34
N HIS B 87 12.45 1.06 -8.66
CA HIS B 87 13.61 0.69 -9.49
C HIS B 87 14.09 -0.75 -9.29
N ASP B 88 13.15 -1.65 -9.09
CA ASP B 88 13.47 -3.07 -8.89
C ASP B 88 13.82 -3.72 -10.23
N ILE B 89 14.99 -3.37 -10.76
CA ILE B 89 15.43 -3.88 -12.04
C ILE B 89 16.96 -4.06 -11.99
N MET B 90 17.45 -5.04 -12.72
CA MET B 90 18.87 -5.37 -12.72
C MET B 90 19.32 -6.13 -13.96
N LEU B 91 20.46 -5.73 -14.51
CA LEU B 91 21.03 -6.40 -15.68
C LEU B 91 22.16 -7.34 -15.24
N ILE B 92 22.17 -8.55 -15.78
CA ILE B 92 23.19 -9.53 -15.46
C ILE B 92 24.08 -9.76 -16.68
N ARG B 93 25.38 -9.56 -16.50
CA ARG B 93 26.34 -9.79 -17.57
C ARG B 93 26.82 -11.23 -17.42
N LEU B 94 26.59 -12.02 -18.45
CA LEU B 94 26.97 -13.44 -18.46
C LEU B 94 28.47 -13.62 -18.68
N GLN B 95 29.06 -14.58 -17.97
CA GLN B 95 30.48 -14.90 -18.09
C GLN B 95 30.83 -15.34 -19.51
N ASN B 96 29.92 -16.09 -20.13
CA ASN B 96 30.07 -16.61 -21.49
C ASN B 96 28.81 -16.29 -22.32
N SER B 97 28.94 -16.31 -23.65
CA SER B 97 27.80 -16.04 -24.54
C SER B 97 26.81 -17.20 -24.62
N ALA B 98 25.54 -16.88 -24.81
CA ALA B 98 24.49 -17.88 -24.92
C ALA B 98 24.33 -18.30 -26.39
N ASN B 99 24.04 -19.58 -26.62
CA ASN B 99 23.83 -20.05 -27.99
C ASN B 99 22.44 -19.63 -28.39
N LEU B 100 22.32 -18.75 -29.38
CA LEU B 100 21.00 -18.30 -29.81
C LEU B 100 20.42 -19.19 -30.92
N GLY B 101 19.10 -19.32 -30.91
CA GLY B 101 18.43 -20.13 -31.90
C GLY B 101 16.96 -19.80 -31.87
N ASP B 102 16.12 -20.68 -32.40
CA ASP B 102 14.69 -20.43 -32.39
C ASP B 102 14.11 -20.74 -31.00
N LYS B 103 14.81 -21.58 -30.24
CA LYS B 103 14.40 -21.96 -28.88
C LYS B 103 15.03 -21.15 -27.75
N VAL B 104 16.01 -20.31 -28.10
CA VAL B 104 16.68 -19.44 -27.15
C VAL B 104 17.09 -18.15 -27.84
N LYS B 105 16.28 -17.11 -27.68
CA LYS B 105 16.57 -15.82 -28.30
C LYS B 105 16.11 -14.67 -27.42
N PRO B 106 16.77 -13.51 -27.53
CA PRO B 106 16.39 -12.35 -26.71
C PRO B 106 15.01 -11.79 -27.07
N VAL B 107 14.37 -11.13 -26.10
CA VAL B 107 13.06 -10.51 -26.35
C VAL B 107 13.33 -9.10 -26.85
N GLN B 108 12.33 -8.54 -27.51
CA GLN B 108 12.41 -7.18 -27.99
C GLN B 108 11.85 -6.29 -26.86
N LEU B 109 12.63 -5.30 -26.43
CA LEU B 109 12.21 -4.39 -25.37
C LEU B 109 11.20 -3.37 -25.90
N ALA B 110 10.21 -3.05 -25.09
CA ALA B 110 9.17 -2.10 -25.49
C ALA B 110 9.57 -0.64 -25.35
N ASN B 111 9.48 0.10 -26.46
CA ASN B 111 9.79 1.53 -26.42
C ASN B 111 8.53 2.23 -25.98
N LEU B 112 7.40 1.78 -26.50
CA LEU B 112 6.11 2.35 -26.15
C LEU B 112 5.60 1.72 -24.87
N CYS B 113 5.03 2.54 -23.99
CA CYS B 113 4.50 2.03 -22.73
C CYS B 113 3.24 1.21 -22.95
N PRO B 114 2.86 0.36 -21.97
CA PRO B 114 1.66 -0.47 -22.07
C PRO B 114 0.36 0.32 -21.93
N LYS B 115 -0.64 -0.05 -22.73
CA LYS B 115 -1.92 0.65 -22.65
C LYS B 115 -2.98 -0.18 -21.97
N VAL B 116 -3.77 0.47 -21.11
CA VAL B 116 -4.84 -0.16 -20.34
C VAL B 116 -5.63 -1.16 -21.14
N GLY B 117 -5.82 -2.35 -20.57
CA GLY B 117 -6.58 -3.38 -21.23
C GLY B 117 -5.78 -4.32 -22.09
N GLN B 118 -4.59 -3.90 -22.52
CA GLN B 118 -3.73 -4.75 -23.35
C GLN B 118 -3.62 -6.15 -22.76
N LYS B 119 -3.76 -7.17 -23.61
CA LYS B 119 -3.65 -8.55 -23.14
C LYS B 119 -2.19 -8.98 -23.26
N CYS B 120 -1.66 -9.52 -22.16
CA CYS B 120 -0.26 -9.95 -22.07
C CYS B 120 -0.13 -11.39 -21.55
N ILE B 121 1.11 -11.87 -21.53
CA ILE B 121 1.41 -13.21 -21.05
C ILE B 121 2.52 -13.21 -20.01
N ILE B 122 2.23 -13.81 -18.85
CA ILE B 122 3.20 -13.94 -17.77
C ILE B 122 3.56 -15.43 -17.68
N SER B 123 4.84 -15.72 -17.43
CA SER B 123 5.27 -17.12 -17.35
C SER B 123 6.40 -17.34 -16.35
N GLY B 124 6.51 -18.56 -15.84
CA GLY B 124 7.57 -18.86 -14.89
C GLY B 124 7.40 -20.17 -14.17
N TRP B 125 8.38 -20.50 -13.34
CA TRP B 125 8.37 -21.75 -12.57
C TRP B 125 7.96 -21.54 -11.12
N GLY B 126 7.31 -20.41 -10.86
CA GLY B 126 6.87 -20.10 -9.51
C GLY B 126 5.70 -20.93 -9.09
N THR B 127 5.31 -20.81 -7.82
CA THR B 127 4.21 -21.57 -7.28
C THR B 127 2.92 -21.41 -8.10
N VAL B 128 2.19 -22.51 -8.19
CA VAL B 128 0.96 -22.63 -8.93
C VAL B 128 -0.29 -22.40 -8.04
N THR B 129 -0.06 -22.30 -6.74
CA THR B 129 -1.13 -22.05 -5.79
C THR B 129 -0.63 -21.01 -4.80
N SER B 130 -1.56 -20.43 -4.05
CA SER B 130 -1.22 -19.42 -3.05
C SER B 130 -2.33 -19.39 -2.01
N PRO B 131 -1.97 -19.32 -0.71
CA PRO B 131 -0.62 -19.22 -0.15
C PRO B 131 0.17 -20.54 -0.05
N GLN B 132 -0.48 -21.67 -0.33
CA GLN B 132 0.18 -22.97 -0.30
C GLN B 132 1.23 -23.01 -1.41
N GLU B 133 2.45 -23.46 -1.09
CA GLU B 133 3.50 -23.53 -2.10
C GLU B 133 3.46 -24.84 -2.87
N ASN B 134 3.25 -24.75 -4.17
CA ASN B 134 3.22 -25.91 -5.05
C ASN B 134 4.02 -25.55 -6.29
N PHE B 135 5.31 -25.88 -6.28
CA PHE B 135 6.18 -25.56 -7.41
C PHE B 135 6.16 -26.57 -8.55
N PRO B 136 5.74 -26.13 -9.74
CA PRO B 136 5.65 -26.95 -10.95
C PRO B 136 7.02 -27.28 -11.53
N ASN B 137 7.07 -28.35 -12.29
CA ASN B 137 8.32 -28.76 -12.89
C ASN B 137 8.51 -28.16 -14.28
N THR B 138 7.39 -27.82 -14.92
CA THR B 138 7.41 -27.25 -16.25
C THR B 138 6.97 -25.78 -16.24
N LEU B 139 7.47 -25.02 -17.21
CA LEU B 139 7.17 -23.61 -17.34
C LEU B 139 5.68 -23.38 -17.53
N ASN B 140 5.09 -22.50 -16.73
CA ASN B 140 3.68 -22.19 -16.86
C ASN B 140 3.49 -20.84 -17.54
N CYS B 141 2.33 -20.68 -18.16
CA CYS B 141 1.95 -19.47 -18.88
C CYS B 141 0.52 -19.06 -18.50
N ALA B 142 0.27 -17.75 -18.50
CA ALA B 142 -1.06 -17.23 -18.16
C ALA B 142 -1.34 -15.91 -18.88
N GLU B 143 -2.62 -15.68 -19.20
CA GLU B 143 -3.01 -14.44 -19.86
C GLU B 143 -3.47 -13.42 -18.81
N VAL B 144 -2.88 -12.24 -18.87
CA VAL B 144 -3.17 -11.17 -17.93
C VAL B 144 -3.46 -9.88 -18.69
N LYS B 145 -4.12 -8.92 -18.04
CA LYS B 145 -4.45 -7.64 -18.68
C LYS B 145 -3.86 -6.46 -17.94
N ILE B 146 -3.48 -5.43 -18.69
CA ILE B 146 -2.91 -4.22 -18.12
C ILE B 146 -3.98 -3.40 -17.38
N TYR B 147 -3.80 -3.19 -16.08
CA TYR B 147 -4.76 -2.42 -15.29
C TYR B 147 -4.52 -0.92 -15.45
N SER B 148 -5.49 -0.12 -15.01
CA SER B 148 -5.37 1.33 -15.05
C SER B 148 -4.55 1.74 -13.83
N GLN B 149 -3.86 2.87 -13.92
CA GLN B 149 -3.01 3.34 -12.82
C GLN B 149 -3.80 3.68 -11.55
N ASN B 150 -5.02 4.18 -11.70
CA ASN B 150 -5.84 4.52 -10.55
C ASN B 150 -6.33 3.26 -9.85
N LYS B 151 -6.64 2.23 -10.64
CA LYS B 151 -7.07 0.95 -10.06
C LYS B 151 -5.86 0.29 -9.40
N CYS B 152 -4.67 0.60 -9.92
CA CYS B 152 -3.41 0.06 -9.41
C CYS B 152 -3.06 0.74 -8.08
N GLU B 153 -3.22 2.07 -8.04
CA GLU B 153 -2.93 2.86 -6.83
C GLU B 153 -3.87 2.57 -5.66
N ARG B 154 -5.16 2.35 -5.94
CA ARG B 154 -6.11 2.04 -4.86
C ARG B 154 -5.78 0.69 -4.25
N ALA B 155 -5.21 -0.20 -5.05
CA ALA B 155 -4.84 -1.52 -4.57
C ALA B 155 -3.62 -1.46 -3.68
N TYR B 156 -2.76 -0.46 -3.87
CA TYR B 156 -1.54 -0.32 -3.07
C TYR B 156 -1.26 1.15 -2.76
N PRO B 157 -2.13 1.78 -1.95
CA PRO B 157 -2.01 3.20 -1.55
C PRO B 157 -0.60 3.68 -1.26
N GLY B 158 -0.12 4.62 -2.06
CA GLY B 158 1.20 5.21 -1.86
C GLY B 158 2.42 4.38 -2.20
N LYS B 159 2.23 3.26 -2.89
CA LYS B 159 3.36 2.40 -3.26
C LYS B 159 3.66 2.36 -4.77
N ILE B 160 2.74 2.87 -5.57
CA ILE B 160 2.90 2.84 -7.02
C ILE B 160 3.59 4.10 -7.56
N THR B 161 4.65 3.91 -8.35
CA THR B 161 5.38 5.01 -8.95
C THR B 161 5.16 4.92 -10.47
N GLU B 162 5.66 5.89 -11.22
CA GLU B 162 5.51 5.89 -12.68
C GLU B 162 6.35 4.82 -13.37
N GLY B 163 7.19 4.12 -12.59
CA GLY B 163 8.02 3.06 -13.14
C GLY B 163 7.44 1.69 -12.83
N MET B 164 6.14 1.66 -12.52
CA MET B 164 5.42 0.43 -12.19
C MET B 164 4.10 0.36 -12.93
N VAL B 165 3.64 -0.86 -13.16
CA VAL B 165 2.37 -1.09 -13.83
C VAL B 165 1.73 -2.36 -13.28
N CYS B 166 0.44 -2.28 -12.95
CA CYS B 166 -0.30 -3.42 -12.44
C CYS B 166 -0.88 -4.22 -13.60
N ALA B 167 -1.06 -5.50 -13.38
CA ALA B 167 -1.65 -6.36 -14.40
C ALA B 167 -2.34 -7.51 -13.70
N GLY B 168 -3.37 -8.06 -14.32
CA GLY B 168 -4.08 -9.15 -13.68
C GLY B 168 -5.22 -9.67 -14.51
N SER B 169 -6.09 -10.45 -13.88
CA SER B 169 -7.21 -11.05 -14.56
C SER B 169 -8.39 -11.22 -13.61
N SER B 170 -9.59 -11.11 -14.17
CA SER B 170 -10.82 -11.26 -13.39
C SER B 170 -10.93 -12.67 -12.80
N ASN B 171 -10.34 -13.65 -13.50
CA ASN B 171 -10.37 -15.03 -13.05
C ASN B 171 -9.19 -15.42 -12.14
N GLY B 172 -8.44 -14.43 -11.66
CA GLY B 172 -7.33 -14.70 -10.75
C GLY B 172 -5.93 -15.03 -11.25
N ALA B 173 -5.67 -14.91 -12.55
CA ALA B 173 -4.33 -15.19 -13.10
C ALA B 173 -3.36 -14.19 -12.47
N ASP B 174 -2.21 -14.67 -12.00
CA ASP B 174 -1.24 -13.78 -11.33
C ASP B 174 0.15 -14.44 -11.26
N THR B 175 1.17 -13.63 -11.00
CA THR B 175 2.52 -14.14 -10.81
C THR B 175 2.58 -14.41 -9.31
N CYS B 176 3.55 -15.18 -8.85
CA CYS B 176 3.63 -15.50 -7.43
C CYS B 176 5.06 -15.93 -7.12
N GLN B 177 5.28 -16.46 -5.91
CA GLN B 177 6.60 -16.89 -5.44
C GLN B 177 7.42 -17.70 -6.45
N GLY B 178 8.59 -17.18 -6.80
CA GLY B 178 9.46 -17.85 -7.75
C GLY B 178 9.37 -17.29 -9.16
N ASP B 179 8.32 -16.52 -9.44
CA ASP B 179 8.13 -15.91 -10.77
C ASP B 179 8.87 -14.57 -10.89
N SER B 180 9.22 -13.97 -9.75
CA SER B 180 9.93 -12.69 -9.73
C SER B 180 11.10 -12.60 -10.70
N GLY B 181 11.21 -11.46 -11.38
CA GLY B 181 12.29 -11.26 -12.32
C GLY B 181 11.91 -11.71 -13.72
N GLY B 182 10.82 -12.46 -13.81
CA GLY B 182 10.35 -12.97 -15.09
C GLY B 182 9.73 -11.94 -16.04
N PRO B 183 9.28 -12.40 -17.21
CA PRO B 183 8.67 -11.52 -18.21
C PRO B 183 7.17 -11.26 -18.14
N LEU B 184 6.80 -10.07 -18.64
CA LEU B 184 5.42 -9.59 -18.77
C LEU B 184 5.52 -9.21 -20.24
N VAL B 185 4.97 -10.04 -21.12
CA VAL B 185 5.05 -9.82 -22.57
C VAL B 185 3.71 -9.53 -23.22
N CYS B 186 3.63 -8.42 -23.94
CA CYS B 186 2.40 -8.03 -24.61
C CYS B 186 2.68 -7.80 -26.10
N ASP B 187 1.99 -8.54 -26.95
CA ASP B 187 2.16 -8.43 -28.40
C ASP B 187 3.62 -8.61 -28.80
N GLY B 188 4.21 -9.71 -28.33
CA GLY B 188 5.59 -10.03 -28.66
C GLY B 188 6.66 -9.12 -28.09
N MET B 189 6.31 -8.21 -27.19
CA MET B 189 7.30 -7.32 -26.62
C MET B 189 7.32 -7.25 -25.10
N LEU B 190 8.52 -7.05 -24.56
CA LEU B 190 8.71 -6.98 -23.12
C LEU B 190 8.23 -5.66 -22.54
N GLN B 191 7.10 -5.72 -21.83
CA GLN B 191 6.50 -4.55 -21.21
C GLN B 191 6.83 -4.45 -19.72
N GLY B 192 7.16 -5.58 -19.10
CA GLY B 192 7.49 -5.54 -17.70
C GLY B 192 8.35 -6.69 -17.20
N ILE B 193 8.83 -6.53 -15.97
CA ILE B 193 9.65 -7.52 -15.26
C ILE B 193 8.84 -7.73 -13.98
N THR B 194 8.34 -8.94 -13.75
CA THR B 194 7.56 -9.18 -12.53
C THR B 194 8.35 -8.84 -11.27
N SER B 195 7.79 -7.90 -10.50
CA SER B 195 8.44 -7.40 -9.29
C SER B 195 7.87 -7.86 -7.96
N TRP B 196 6.69 -7.38 -7.60
CA TRP B 196 6.10 -7.78 -6.33
C TRP B 196 4.60 -7.94 -6.43
N GLY B 197 3.96 -8.28 -5.30
CA GLY B 197 2.52 -8.46 -5.31
C GLY B 197 1.93 -8.57 -3.92
N SER B 198 0.76 -9.19 -3.84
CA SER B 198 0.08 -9.35 -2.56
C SER B 198 0.23 -10.78 -2.06
N ASP B 199 -0.27 -11.01 -0.85
CA ASP B 199 -0.22 -12.32 -0.24
C ASP B 199 -1.59 -12.54 0.39
N PRO B 200 -2.32 -13.55 -0.11
CA PRO B 200 -1.91 -14.43 -1.20
C PRO B 200 -2.05 -13.85 -2.62
N CYS B 201 -1.41 -14.52 -3.57
CA CYS B 201 -1.47 -14.12 -4.98
C CYS B 201 -2.80 -14.60 -5.57
N GLY B 202 -3.18 -14.04 -6.73
CA GLY B 202 -4.41 -14.48 -7.38
C GLY B 202 -5.70 -13.82 -6.98
N LYS B 203 -5.62 -12.63 -6.41
CA LYS B 203 -6.81 -11.88 -6.01
C LYS B 203 -6.89 -10.71 -6.99
N PRO B 204 -7.91 -10.72 -7.88
CA PRO B 204 -8.17 -9.71 -8.91
C PRO B 204 -8.07 -8.26 -8.43
N GLU B 205 -8.49 -8.03 -7.19
CA GLU B 205 -8.49 -6.71 -6.58
C GLU B 205 -7.10 -6.30 -6.07
N LYS B 206 -6.22 -7.30 -5.92
CA LYS B 206 -4.85 -7.12 -5.46
C LYS B 206 -3.91 -7.71 -6.51
N PRO B 207 -3.83 -7.07 -7.69
CA PRO B 207 -2.99 -7.51 -8.82
C PRO B 207 -1.48 -7.50 -8.60
N GLY B 208 -0.76 -8.20 -9.48
CA GLY B 208 0.69 -8.22 -9.39
C GLY B 208 1.29 -6.94 -9.97
N VAL B 209 2.37 -6.45 -9.37
CA VAL B 209 3.01 -5.23 -9.85
C VAL B 209 4.26 -5.56 -10.65
N TYR B 210 4.44 -4.84 -11.74
CA TYR B 210 5.56 -5.06 -12.64
C TYR B 210 6.39 -3.82 -12.87
N THR B 211 7.69 -4.01 -13.06
CA THR B 211 8.61 -2.91 -13.35
C THR B 211 8.37 -2.55 -14.83
N LYS B 212 7.87 -1.35 -15.06
CA LYS B 212 7.57 -0.86 -16.39
C LYS B 212 8.85 -0.67 -17.21
N ILE B 213 9.04 -1.51 -18.22
CA ILE B 213 10.22 -1.47 -19.09
C ILE B 213 10.43 -0.15 -19.84
N CYS B 214 9.35 0.43 -20.36
CA CYS B 214 9.43 1.69 -21.12
C CYS B 214 10.14 2.84 -20.38
N ARG B 215 10.05 2.83 -19.05
CA ARG B 215 10.67 3.85 -18.22
C ARG B 215 12.19 3.62 -18.10
N TYR B 216 12.63 2.37 -18.24
CA TYR B 216 14.03 2.04 -18.10
C TYR B 216 14.82 1.65 -19.33
N THR B 217 14.23 1.73 -20.53
CA THR B 217 14.95 1.33 -21.74
C THR B 217 16.24 2.12 -22.00
N THR B 218 16.27 3.37 -21.56
CA THR B 218 17.44 4.20 -21.73
C THR B 218 18.60 3.65 -20.90
N TRP B 219 18.32 3.39 -19.62
CA TRP B 219 19.31 2.84 -18.71
C TRP B 219 19.79 1.48 -19.21
N ILE B 220 18.84 0.64 -19.61
CA ILE B 220 19.11 -0.69 -20.12
C ILE B 220 20.12 -0.71 -21.27
N LYS B 221 19.87 0.08 -22.31
CA LYS B 221 20.78 0.14 -23.45
C LYS B 221 22.14 0.75 -23.13
N LYS B 222 22.14 1.84 -22.38
CA LYS B 222 23.38 2.51 -21.98
C LYS B 222 24.35 1.53 -21.28
N THR B 223 23.80 0.63 -20.47
CA THR B 223 24.59 -0.36 -19.72
C THR B 223 25.13 -1.48 -20.63
N MET B 224 24.36 -1.89 -21.62
CA MET B 224 24.83 -2.95 -22.52
C MET B 224 25.88 -2.47 -23.52
N ASP B 225 25.68 -1.26 -24.07
CA ASP B 225 26.60 -0.66 -25.04
C ASP B 225 27.73 0.09 -24.35
C1 NAG C . -19.35 -9.32 8.99
C2 NAG C . -19.90 -10.57 9.77
C3 NAG C . -19.86 -11.80 8.83
C4 NAG C . -20.61 -11.49 7.52
C5 NAG C . -20.01 -10.23 6.87
C6 NAG C . -20.68 -9.85 5.57
C7 NAG C . -19.68 -11.52 12.02
C8 NAG C . -18.79 -11.88 13.22
N2 NAG C . -19.11 -10.90 10.97
O3 NAG C . -20.42 -12.94 9.47
O4 NAG C . -20.51 -12.61 6.63
O5 NAG C . -20.11 -9.10 7.79
O6 NAG C . -20.72 -10.94 4.66
O7 NAG C . -20.90 -11.75 12.08
C1 NAG D . 17.11 3.77 1.64
C2 NAG D . 17.31 3.71 3.19
C3 NAG D . 17.42 5.15 3.73
C4 NAG D . 18.54 5.91 3.00
C5 NAG D . 18.25 5.88 1.48
C6 NAG D . 19.32 6.61 0.65
C7 NAG D . 16.37 2.40 5.03
C8 NAG D . 15.15 1.78 5.72
N2 NAG D . 16.19 3.05 3.88
O3 NAG D . 17.67 5.15 5.13
O4 NAG D . 18.59 7.25 3.46
O5 NAG D . 18.19 4.50 1.02
O6 NAG D . 19.52 7.94 1.13
O7 NAG D . 17.50 2.21 5.53
#